data_6SQ5
#
_entry.id   6SQ5
#
_cell.length_a   97.533
_cell.length_b   97.533
_cell.length_c   140.229
_cell.angle_alpha   90.000
_cell.angle_beta   90.000
_cell.angle_gamma   120.000
#
_symmetry.space_group_name_H-M   'P 62 2 2'
#
loop_
_entity.id
_entity.type
_entity.pdbx_description
1 polymer 'Enoyl-[acyl-carrier-protein] reductase [NADH]'
2 non-polymer NICOTINAMIDE-ADENINE-DINUCLEOTIDE
3 non-polymer '(~{E})-3-[3-(trifluoromethyl)phenyl]prop-2-enoic acid'
4 water water
#
_entity_poly.entity_id   1
_entity_poly.type   'polypeptide(L)'
_entity_poly.pdbx_seq_one_letter_code
;SMTGLLDGKRILVSGIITDSSIAFHIARVAQEQGAQLVLTGFDRLRLIQRITDRLPAKAPLLELDVQNEEHLASLAGRVT
EAIGAGNKLDGVVHSIGFMPQTGMGINPFFDAPYADVSKGIHISAYSYASMAKALLPIMNPGGSIVGMDFDPSRAMPAYN
WMTVAKSALESVNRFVAREAGKYGVRSNLVAAGPIRTLAMSAIVGGALGEEAGAQIQLLEEGWDQRAPIGWNMKDATPVA
KTVCALLSDWLPATTGDIIYADGGAHTQLL
;
_entity_poly.pdbx_strand_id   A
#
loop_
_chem_comp.id
_chem_comp.type
_chem_comp.name
_chem_comp.formula
LRW non-polymer '(~{E})-3-[3-(trifluoromethyl)phenyl]prop-2-enoic acid' 'C10 H7 F3 O2'
NAD non-polymer NICOTINAMIDE-ADENINE-DINUCLEOTIDE 'C21 H27 N7 O14 P2'
#
# COMPACT_ATOMS: atom_id res chain seq x y z
N GLY A 4 -22.99 -6.48 1.71
CA GLY A 4 -21.67 -5.89 1.56
C GLY A 4 -20.67 -6.79 0.85
N LEU A 5 -19.76 -6.17 0.09
CA LEU A 5 -18.80 -6.92 -0.70
C LEU A 5 -17.89 -7.77 0.19
N LEU A 6 -17.64 -7.34 1.42
CA LEU A 6 -16.68 -7.98 2.30
C LEU A 6 -17.32 -8.44 3.60
N ASP A 7 -18.62 -8.74 3.56
CA ASP A 7 -19.37 -9.02 4.78
C ASP A 7 -18.79 -10.24 5.48
N GLY A 8 -18.48 -10.08 6.77
CA GLY A 8 -17.92 -11.15 7.56
C GLY A 8 -16.43 -11.33 7.47
N LYS A 9 -15.76 -10.69 6.52
CA LYS A 9 -14.33 -10.87 6.37
C LYS A 9 -13.57 -10.09 7.44
N ARG A 10 -12.50 -10.69 7.96
CA ARG A 10 -11.61 -10.05 8.91
C ARG A 10 -10.34 -9.66 8.18
N ILE A 11 -10.03 -8.36 8.17
CA ILE A 11 -9.01 -7.80 7.29
C ILE A 11 -8.10 -6.87 8.08
N LEU A 12 -6.79 -7.08 7.96
CA LEU A 12 -5.79 -6.21 8.55
C LEU A 12 -5.39 -5.13 7.54
N VAL A 13 -5.36 -3.87 7.99
CA VAL A 13 -4.99 -2.76 7.13
C VAL A 13 -3.86 -1.99 7.78
N SER A 14 -2.69 -1.97 7.14
CA SER A 14 -1.55 -1.18 7.56
C SER A 14 -1.55 0.16 6.81
N GLY A 15 -0.77 1.10 7.31
CA GLY A 15 -0.38 2.25 6.52
C GLY A 15 -1.18 3.54 6.71
N ILE A 16 -2.08 3.61 7.68
CA ILE A 16 -2.76 4.88 7.94
C ILE A 16 -1.83 5.78 8.72
N ILE A 17 -1.66 7.03 8.25
CA ILE A 17 -0.94 8.03 9.04
C ILE A 17 -1.68 9.36 9.08
N THR A 18 -2.37 9.72 8.00
CA THR A 18 -3.27 10.88 8.00
C THR A 18 -4.58 10.48 7.34
N ASP A 19 -5.54 11.42 7.34
CA ASP A 19 -6.81 11.15 6.68
C ASP A 19 -6.71 11.21 5.18
N SER A 20 -5.54 11.54 4.62
CA SER A 20 -5.34 11.44 3.18
C SER A 20 -4.58 10.19 2.77
N SER A 21 -4.21 9.34 3.73
CA SER A 21 -3.55 8.09 3.43
C SER A 21 -4.45 7.23 2.54
N ILE A 22 -3.86 6.62 1.51
CA ILE A 22 -4.62 5.66 0.71
C ILE A 22 -5.23 4.59 1.62
N ALA A 23 -4.49 4.14 2.63
CA ALA A 23 -5.01 3.12 3.54
C ALA A 23 -6.20 3.60 4.35
N PHE A 24 -6.31 4.91 4.62
CA PHE A 24 -7.51 5.39 5.32
C PHE A 24 -8.75 5.13 4.48
N HIS A 25 -8.66 5.36 3.17
CA HIS A 25 -9.80 5.18 2.29
C HIS A 25 -10.07 3.71 2.00
N ILE A 26 -9.02 2.89 1.93
CA ILE A 26 -9.20 1.44 1.88
C ILE A 26 -9.99 0.99 3.10
N ALA A 27 -9.57 1.42 4.30
CA ALA A 27 -10.25 1.01 5.52
C ALA A 27 -11.70 1.48 5.54
N ARG A 28 -11.94 2.73 5.14
CA ARG A 28 -13.31 3.25 5.12
C ARG A 28 -14.19 2.40 4.23
N VAL A 29 -13.76 2.18 2.99
CA VAL A 29 -14.59 1.43 2.04
C VAL A 29 -14.77 -0.01 2.49
N ALA A 30 -13.72 -0.63 3.01
CA ALA A 30 -13.84 -2.00 3.50
C ALA A 30 -14.89 -2.09 4.61
N GLN A 31 -14.88 -1.12 5.54
CA GLN A 31 -15.89 -1.12 6.60
C GLN A 31 -17.28 -0.85 6.04
N GLU A 32 -17.40 0.06 5.06
CA GLU A 32 -18.69 0.28 4.41
C GLU A 32 -19.24 -1.01 3.81
N GLN A 33 -18.35 -1.90 3.39
CA GLN A 33 -18.70 -3.17 2.77
C GLN A 33 -18.72 -4.33 3.75
N GLY A 34 -18.78 -4.05 5.04
CA GLY A 34 -19.04 -5.07 6.04
C GLY A 34 -17.84 -5.80 6.61
N ALA A 35 -16.62 -5.40 6.27
CA ALA A 35 -15.45 -6.06 6.81
C ALA A 35 -15.19 -5.62 8.25
N GLN A 36 -14.64 -6.54 9.04
CA GLN A 36 -14.18 -6.23 10.39
C GLN A 36 -12.67 -6.03 10.34
N LEU A 37 -12.19 -4.86 10.77
CA LEU A 37 -10.81 -4.49 10.53
C LEU A 37 -9.96 -4.62 11.78
N VAL A 38 -8.68 -4.92 11.57
CA VAL A 38 -7.61 -4.67 12.52
C VAL A 38 -6.64 -3.72 11.85
N LEU A 39 -6.30 -2.62 12.52
CA LEU A 39 -5.40 -1.63 11.94
C LEU A 39 -4.00 -1.76 12.53
N THR A 40 -2.98 -1.49 11.72
CA THR A 40 -1.62 -1.37 12.25
C THR A 40 -1.06 0.00 11.87
N GLY A 41 -0.31 0.55 12.80
CA GLY A 41 0.26 1.89 12.65
C GLY A 41 1.70 1.95 13.06
N PHE A 42 2.41 2.93 12.56
CA PHE A 42 3.85 3.04 12.83
C PHE A 42 4.19 4.34 13.54
N ASP A 43 4.89 4.21 14.66
CA ASP A 43 5.49 5.30 15.46
C ASP A 43 4.48 6.21 16.16
N ARG A 44 3.62 6.91 15.45
CA ARG A 44 2.73 7.91 16.09
C ARG A 44 1.37 7.30 16.36
N LEU A 45 1.30 6.37 17.29
CA LEU A 45 0.03 5.67 17.51
C LEU A 45 -1.03 6.59 18.11
N ARG A 46 -0.63 7.62 18.84
CA ARG A 46 -1.67 8.51 19.40
C ARG A 46 -2.32 9.23 18.24
N LEU A 47 -1.50 9.78 17.36
CA LEU A 47 -2.07 10.48 16.22
C LEU A 47 -2.94 9.55 15.38
N ILE A 48 -2.43 8.35 15.08
CA ILE A 48 -3.15 7.43 14.23
C ILE A 48 -4.49 7.06 14.84
N GLN A 49 -4.52 6.85 16.15
CA GLN A 49 -5.78 6.54 16.81
C GLN A 49 -6.79 7.67 16.63
N ARG A 50 -6.35 8.92 16.78
CA ARG A 50 -7.23 10.05 16.58
C ARG A 50 -7.74 10.12 15.15
N ILE A 51 -6.88 9.81 14.19
CA ILE A 51 -7.28 9.77 12.78
C ILE A 51 -8.33 8.69 12.54
N THR A 52 -8.04 7.45 12.99
CA THR A 52 -8.94 6.35 12.69
C THR A 52 -10.23 6.41 13.49
N ASP A 53 -10.33 7.28 14.49
CA ASP A 53 -11.61 7.53 15.16
C ASP A 53 -12.67 8.03 14.18
N ARG A 54 -12.26 8.54 13.03
CA ARG A 54 -13.19 9.05 12.03
C ARG A 54 -13.67 7.98 11.06
N LEU A 55 -13.16 6.74 11.16
CA LEU A 55 -13.66 5.66 10.33
C LEU A 55 -15.10 5.30 10.74
N PRO A 56 -15.87 4.69 9.83
CA PRO A 56 -17.27 4.38 10.17
C PRO A 56 -17.43 3.44 11.35
N ALA A 57 -16.43 2.61 11.65
CA ALA A 57 -16.52 1.66 12.74
C ALA A 57 -15.21 1.65 13.51
N LYS A 58 -15.32 1.34 14.81
CA LYS A 58 -14.12 1.20 15.64
C LYS A 58 -13.34 -0.02 15.19
N ALA A 59 -12.01 0.06 15.32
CA ALA A 59 -11.16 -1.06 14.97
C ALA A 59 -9.96 -1.05 15.88
N PRO A 60 -9.52 -2.23 16.36
CA PRO A 60 -8.31 -2.26 17.19
C PRO A 60 -7.11 -1.78 16.40
N LEU A 61 -6.21 -1.07 17.07
CA LEU A 61 -5.00 -0.54 16.44
C LEU A 61 -3.79 -1.17 17.11
N LEU A 62 -2.94 -1.80 16.31
CA LEU A 62 -1.72 -2.44 16.78
C LEU A 62 -0.49 -1.74 16.23
N GLU A 63 0.56 -1.64 17.04
CA GLU A 63 1.79 -1.00 16.56
C GLU A 63 2.58 -1.98 15.70
N LEU A 64 3.05 -1.48 14.53
CA LEU A 64 3.87 -2.31 13.65
C LEU A 64 4.87 -1.40 12.93
N ASP A 65 6.13 -1.49 13.35
CA ASP A 65 7.26 -0.95 12.60
C ASP A 65 7.85 -2.11 11.82
N VAL A 66 7.71 -2.11 10.49
CA VAL A 66 8.11 -3.27 9.71
C VAL A 66 9.61 -3.51 9.71
N GLN A 67 10.40 -2.57 10.21
CA GLN A 67 11.82 -2.78 10.41
C GLN A 67 12.14 -3.41 11.77
N ASN A 68 11.15 -3.61 12.63
CA ASN A 68 11.33 -4.12 13.97
C ASN A 68 11.02 -5.61 13.97
N GLU A 69 12.07 -6.44 14.08
CA GLU A 69 11.86 -7.88 14.04
C GLU A 69 10.99 -8.37 15.19
N GLU A 70 11.03 -7.68 16.33
CA GLU A 70 10.20 -8.08 17.47
C GLU A 70 8.73 -7.77 17.21
N HIS A 71 8.43 -6.62 16.60
CA HIS A 71 7.05 -6.32 16.21
C HIS A 71 6.50 -7.39 15.28
N LEU A 72 7.31 -7.83 14.31
CA LEU A 72 6.85 -8.83 13.35
C LEU A 72 6.68 -10.19 14.01
N ALA A 73 7.61 -10.57 14.91
CA ALA A 73 7.51 -11.87 15.56
C ALA A 73 6.28 -11.97 16.45
N SER A 74 5.82 -10.86 16.99
CA SER A 74 4.66 -10.89 17.88
C SER A 74 3.35 -10.56 17.18
N LEU A 75 3.40 -10.17 15.91
CA LEU A 75 2.24 -9.59 15.25
C LEU A 75 1.07 -10.57 15.18
N ALA A 76 1.33 -11.81 14.75
CA ALA A 76 0.26 -12.80 14.64
C ALA A 76 -0.45 -13.02 15.97
N GLY A 77 0.31 -13.12 17.06
CA GLY A 77 -0.32 -13.30 18.36
C GLY A 77 -1.17 -12.10 18.76
N ARG A 78 -0.67 -10.90 18.48
CA ARG A 78 -1.44 -9.70 18.81
C ARG A 78 -2.69 -9.56 17.95
N VAL A 79 -2.65 -10.01 16.70
CA VAL A 79 -3.84 -10.00 15.86
C VAL A 79 -4.87 -11.00 16.37
N THR A 80 -4.42 -12.22 16.68
CA THR A 80 -5.35 -13.23 17.18
C THR A 80 -5.99 -12.78 18.48
N GLU A 81 -5.21 -12.14 19.37
CA GLU A 81 -5.79 -11.56 20.58
C GLU A 81 -6.85 -10.53 20.25
N ALA A 82 -6.71 -9.81 19.14
CA ALA A 82 -7.67 -8.75 18.82
C ALA A 82 -8.95 -9.31 18.20
N ILE A 83 -8.84 -10.32 17.33
CA ILE A 83 -10.00 -10.89 16.65
C ILE A 83 -10.57 -12.11 17.35
N GLY A 84 -9.91 -12.60 18.40
CA GLY A 84 -10.42 -13.73 19.16
C GLY A 84 -9.80 -15.06 18.75
N ALA A 85 -9.47 -15.89 19.73
CA ALA A 85 -8.89 -17.19 19.45
C ALA A 85 -9.84 -18.01 18.58
N GLY A 86 -9.27 -18.79 17.66
CA GLY A 86 -10.05 -19.56 16.72
C GLY A 86 -10.48 -18.81 15.48
N ASN A 87 -10.36 -17.49 15.48
CA ASN A 87 -10.63 -16.70 14.29
C ASN A 87 -9.32 -16.41 13.57
N LYS A 88 -9.39 -16.38 12.24
CA LYS A 88 -8.25 -16.05 11.40
C LYS A 88 -8.61 -14.86 10.50
N LEU A 89 -7.57 -14.29 9.90
CA LEU A 89 -7.73 -13.22 8.92
C LEU A 89 -8.12 -13.75 7.56
N ASP A 90 -8.96 -12.98 6.86
CA ASP A 90 -9.27 -13.23 5.47
C ASP A 90 -8.54 -12.30 4.51
N GLY A 91 -8.02 -11.19 5.01
CA GLY A 91 -7.39 -10.21 4.15
C GLY A 91 -6.30 -9.47 4.87
N VAL A 92 -5.29 -9.07 4.11
CA VAL A 92 -4.17 -8.26 4.59
C VAL A 92 -3.89 -7.17 3.56
N VAL A 93 -3.79 -5.92 4.01
CA VAL A 93 -3.49 -4.80 3.11
C VAL A 93 -2.16 -4.21 3.54
N HIS A 94 -1.19 -4.22 2.62
CA HIS A 94 0.10 -3.58 2.79
C HIS A 94 0.02 -2.23 2.07
N SER A 95 0.01 -1.14 2.84
CA SER A 95 -0.01 0.19 2.27
C SER A 95 1.09 1.02 2.93
N ILE A 96 2.31 0.54 2.76
CA ILE A 96 3.49 1.05 3.46
C ILE A 96 4.55 1.39 2.43
N GLY A 97 5.12 2.59 2.55
CA GLY A 97 6.17 3.00 1.65
C GLY A 97 6.96 4.14 2.26
N PHE A 98 8.26 4.14 1.99
CA PHE A 98 9.13 5.22 2.45
C PHE A 98 10.44 5.15 1.68
N MET A 99 10.95 6.31 1.30
CA MET A 99 12.30 6.43 0.75
C MET A 99 12.88 7.74 1.27
N PRO A 100 14.04 7.72 1.90
CA PRO A 100 14.65 8.97 2.38
C PRO A 100 14.74 10.00 1.27
N GLN A 101 14.70 11.28 1.65
CA GLN A 101 14.65 12.30 0.61
C GLN A 101 15.88 12.30 -0.28
N THR A 102 17.00 11.72 0.17
CA THR A 102 18.17 11.62 -0.68
C THR A 102 17.92 10.74 -1.90
N GLY A 103 16.94 9.84 -1.82
CA GLY A 103 16.59 8.94 -2.90
C GLY A 103 15.42 9.39 -3.75
N MET A 104 14.86 10.57 -3.46
CA MET A 104 13.81 11.18 -4.27
C MET A 104 14.17 12.65 -4.48
N GLY A 105 13.33 13.37 -5.20
CA GLY A 105 13.49 14.81 -5.30
C GLY A 105 14.63 15.24 -6.21
N ILE A 106 15.07 16.50 -6.00
CA ILE A 106 16.10 17.09 -6.85
C ILE A 106 17.50 16.62 -6.49
N ASN A 107 17.68 15.91 -5.38
CA ASN A 107 18.98 15.34 -5.11
C ASN A 107 19.32 14.33 -6.21
N PRO A 108 20.46 14.46 -6.88
CA PRO A 108 20.73 13.61 -8.03
C PRO A 108 20.67 12.14 -7.69
N PHE A 109 20.17 11.36 -8.65
CA PHE A 109 20.02 9.91 -8.50
C PHE A 109 21.31 9.27 -7.98
N PHE A 110 22.46 9.71 -8.49
CA PHE A 110 23.74 9.13 -8.10
C PHE A 110 24.16 9.51 -6.69
N ASP A 111 23.51 10.50 -6.07
CA ASP A 111 23.96 10.98 -4.77
C ASP A 111 23.27 10.31 -3.60
N ALA A 112 22.33 9.41 -3.81
CA ALA A 112 21.71 8.73 -2.69
C ALA A 112 22.67 7.68 -2.12
N PRO A 113 23.02 7.74 -0.84
CA PRO A 113 23.90 6.71 -0.27
C PRO A 113 23.15 5.40 -0.12
N TYR A 114 23.88 4.28 -0.15
CA TYR A 114 23.16 3.01 -0.15
C TYR A 114 22.42 2.78 1.16
N ALA A 115 22.93 3.30 2.28
CA ALA A 115 22.22 3.17 3.54
C ALA A 115 20.80 3.71 3.43
N ASP A 116 20.64 4.84 2.72
CA ASP A 116 19.31 5.42 2.53
C ASP A 116 18.46 4.56 1.61
N VAL A 117 19.04 4.12 0.49
CA VAL A 117 18.31 3.26 -0.45
C VAL A 117 17.88 1.97 0.24
N SER A 118 18.79 1.35 0.99
CA SER A 118 18.51 0.09 1.65
C SER A 118 17.35 0.24 2.64
N LYS A 119 17.30 1.35 3.37
CA LYS A 119 16.19 1.58 4.29
C LYS A 119 14.87 1.68 3.52
N GLY A 120 14.88 2.37 2.38
CA GLY A 120 13.66 2.49 1.59
C GLY A 120 13.22 1.17 0.98
N ILE A 121 14.17 0.37 0.52
CA ILE A 121 13.81 -0.95 -0.02
C ILE A 121 13.34 -1.87 1.11
N HIS A 122 13.94 -1.74 2.30
CA HIS A 122 13.46 -2.51 3.45
C HIS A 122 11.99 -2.21 3.71
N ILE A 123 11.65 -0.93 3.85
CA ILE A 123 10.28 -0.56 4.23
C ILE A 123 9.32 -0.78 3.07
N SER A 124 9.75 -0.49 1.84
CA SER A 124 8.80 -0.47 0.73
C SER A 124 8.65 -1.79 -0.02
N ALA A 125 9.63 -2.70 0.08
CA ALA A 125 9.58 -3.93 -0.70
C ALA A 125 9.76 -5.18 0.14
N TYR A 126 10.87 -5.25 0.89
CA TYR A 126 11.10 -6.45 1.71
C TYR A 126 9.97 -6.66 2.71
N SER A 127 9.41 -5.56 3.25
CA SER A 127 8.39 -5.71 4.27
C SER A 127 7.12 -6.36 3.75
N TYR A 128 6.88 -6.35 2.43
CA TYR A 128 5.74 -7.09 1.90
C TYR A 128 5.92 -8.58 2.16
N ALA A 129 7.14 -9.10 1.97
CA ALA A 129 7.44 -10.47 2.35
C ALA A 129 7.38 -10.66 3.85
N SER A 130 7.86 -9.68 4.63
CA SER A 130 7.86 -9.79 6.09
C SER A 130 6.45 -9.93 6.64
N MET A 131 5.51 -9.14 6.13
CA MET A 131 4.15 -9.20 6.63
C MET A 131 3.47 -10.49 6.22
N ALA A 132 3.73 -10.95 5.01
CA ALA A 132 3.18 -12.24 4.56
C ALA A 132 3.71 -13.38 5.43
N LYS A 133 5.01 -13.36 5.74
CA LYS A 133 5.57 -14.39 6.60
C LYS A 133 4.88 -14.40 7.96
N ALA A 134 4.60 -13.21 8.51
CA ALA A 134 4.01 -13.12 9.84
C ALA A 134 2.55 -13.54 9.85
N LEU A 135 1.80 -13.23 8.78
CA LEU A 135 0.35 -13.33 8.85
C LEU A 135 -0.22 -14.54 8.12
N LEU A 136 0.46 -15.09 7.12
CA LEU A 136 -0.06 -16.28 6.46
C LEU A 136 -0.45 -17.40 7.43
N PRO A 137 0.29 -17.68 8.51
CA PRO A 137 -0.14 -18.74 9.42
C PRO A 137 -1.46 -18.46 10.13
N ILE A 138 -1.95 -17.23 10.12
CA ILE A 138 -3.27 -16.97 10.70
C ILE A 138 -4.21 -16.43 9.63
N MET A 139 -4.07 -16.93 8.40
CA MET A 139 -4.97 -16.56 7.31
C MET A 139 -5.78 -17.76 6.85
N ASN A 140 -7.04 -17.51 6.53
CA ASN A 140 -7.95 -18.55 6.06
C ASN A 140 -7.69 -18.88 4.59
N PRO A 141 -7.96 -20.12 4.17
CA PRO A 141 -8.00 -20.42 2.73
C PRO A 141 -9.00 -19.50 2.04
N GLY A 142 -8.68 -19.13 0.80
CA GLY A 142 -9.46 -18.12 0.11
C GLY A 142 -9.10 -16.70 0.48
N GLY A 143 -8.10 -16.51 1.34
CA GLY A 143 -7.71 -15.18 1.75
C GLY A 143 -6.95 -14.43 0.66
N SER A 144 -6.65 -13.15 0.95
CA SER A 144 -6.08 -12.29 -0.07
C SER A 144 -5.15 -11.28 0.58
N ILE A 145 -3.93 -11.17 0.06
CA ILE A 145 -2.97 -10.15 0.48
C ILE A 145 -2.84 -9.14 -0.67
N VAL A 146 -2.93 -7.84 -0.35
CA VAL A 146 -2.86 -6.79 -1.35
C VAL A 146 -1.83 -5.75 -0.90
N GLY A 147 -0.94 -5.37 -1.81
CA GLY A 147 -0.02 -4.26 -1.56
C GLY A 147 -0.19 -3.12 -2.56
N MET A 148 0.28 -1.92 -2.22
CA MET A 148 0.17 -0.74 -3.06
C MET A 148 1.43 -0.54 -3.89
N ASP A 149 1.24 -0.28 -5.19
CA ASP A 149 2.29 -0.21 -6.20
C ASP A 149 2.14 1.09 -6.96
N PHE A 150 3.24 1.56 -7.55
CA PHE A 150 3.24 2.66 -8.53
C PHE A 150 4.07 2.20 -9.71
N ASP A 151 3.43 2.07 -10.90
CA ASP A 151 4.02 1.41 -12.07
C ASP A 151 5.46 1.84 -12.31
N PRO A 152 6.44 0.94 -12.11
CA PRO A 152 7.84 1.34 -12.25
C PRO A 152 8.48 0.84 -13.52
N SER A 153 7.66 0.42 -14.51
CA SER A 153 8.21 -0.24 -15.69
C SER A 153 9.02 0.71 -16.55
N ARG A 154 8.82 2.03 -16.39
CA ARG A 154 9.60 3.05 -17.07
CA ARG A 154 9.60 3.05 -17.07
C ARG A 154 10.11 4.04 -16.04
N ALA A 155 11.29 4.56 -16.29
CA ALA A 155 11.86 5.56 -15.38
C ALA A 155 11.11 6.88 -15.52
N MET A 156 11.10 7.61 -14.44
CA MET A 156 10.44 8.93 -14.48
C MET A 156 11.26 9.91 -13.64
N PRO A 157 11.14 11.21 -13.85
CA PRO A 157 11.84 12.13 -13.01
C PRO A 157 11.37 12.11 -11.55
N ALA A 158 12.29 12.43 -10.67
CA ALA A 158 12.11 12.61 -9.22
C ALA A 158 11.80 11.34 -8.43
N TYR A 159 10.97 10.44 -8.92
CA TYR A 159 10.61 9.22 -8.16
C TYR A 159 11.88 8.45 -7.79
N ASN A 160 12.85 8.43 -8.69
CA ASN A 160 14.21 7.90 -8.53
C ASN A 160 14.24 6.56 -7.78
N TRP A 161 14.88 6.52 -6.63
CA TRP A 161 15.04 5.23 -5.93
C TRP A 161 13.71 4.62 -5.47
N MET A 162 12.70 5.44 -5.25
CA MET A 162 11.42 4.82 -4.91
C MET A 162 10.90 3.97 -6.07
N THR A 163 11.16 4.40 -7.32
CA THR A 163 10.84 3.55 -8.48
C THR A 163 11.54 2.21 -8.41
N VAL A 164 12.84 2.24 -8.08
CA VAL A 164 13.59 1.00 -7.94
C VAL A 164 12.96 0.12 -6.87
N ALA A 165 12.51 0.73 -5.77
CA ALA A 165 11.90 -0.05 -4.69
C ALA A 165 10.60 -0.68 -5.17
N LYS A 166 9.82 0.03 -5.98
CA LYS A 166 8.60 -0.55 -6.52
C LYS A 166 8.89 -1.69 -7.50
N SER A 167 9.93 -1.54 -8.33
CA SER A 167 10.33 -2.68 -9.16
C SER A 167 10.67 -3.89 -8.31
N ALA A 168 11.35 -3.68 -7.18
CA ALA A 168 11.65 -4.79 -6.29
C ALA A 168 10.38 -5.36 -5.68
N LEU A 169 9.44 -4.48 -5.29
CA LEU A 169 8.19 -4.93 -4.69
C LEU A 169 7.40 -5.81 -5.64
N GLU A 170 7.33 -5.42 -6.92
CA GLU A 170 6.63 -6.25 -7.89
C GLU A 170 7.24 -7.65 -7.98
N SER A 171 8.56 -7.73 -7.91
CA SER A 171 9.23 -9.03 -7.94
C SER A 171 8.93 -9.80 -6.67
N VAL A 172 8.99 -9.12 -5.52
CA VAL A 172 8.67 -9.75 -4.23
C VAL A 172 7.26 -10.32 -4.25
N ASN A 173 6.30 -9.55 -4.79
CA ASN A 173 4.91 -10.02 -4.86
C ASN A 173 4.79 -11.35 -5.59
N ARG A 174 5.56 -11.55 -6.67
CA ARG A 174 5.45 -12.80 -7.40
C ARG A 174 5.96 -13.99 -6.59
N PHE A 175 6.95 -13.76 -5.72
CA PHE A 175 7.41 -14.85 -4.86
C PHE A 175 6.47 -15.05 -3.67
N VAL A 176 5.89 -13.98 -3.12
CA VAL A 176 4.94 -14.13 -2.02
C VAL A 176 3.74 -14.95 -2.49
N ALA A 177 3.30 -14.75 -3.75
CA ALA A 177 2.21 -15.54 -4.29
C ALA A 177 2.54 -17.04 -4.26
N ARG A 178 3.79 -17.40 -4.56
CA ARG A 178 4.19 -18.81 -4.48
C ARG A 178 3.97 -19.36 -3.08
N GLU A 179 4.43 -18.63 -2.07
CA GLU A 179 4.27 -19.07 -0.68
C GLU A 179 2.81 -19.03 -0.25
N ALA A 180 2.10 -17.94 -0.57
CA ALA A 180 0.72 -17.77 -0.14
C ALA A 180 -0.19 -18.84 -0.73
N GLY A 181 0.13 -19.29 -1.95
CA GLY A 181 -0.67 -20.33 -2.58
C GLY A 181 -0.76 -21.62 -1.79
N LYS A 182 0.29 -21.97 -1.05
CA LYS A 182 0.25 -23.15 -0.19
C LYS A 182 -0.82 -23.05 0.89
N TYR A 183 -1.21 -21.82 1.24
CA TYR A 183 -2.27 -21.55 2.20
C TYR A 183 -3.62 -21.31 1.55
N GLY A 184 -3.72 -21.43 0.23
CA GLY A 184 -4.95 -21.06 -0.44
C GLY A 184 -5.20 -19.58 -0.50
N VAL A 185 -4.13 -18.77 -0.41
CA VAL A 185 -4.22 -17.31 -0.32
C VAL A 185 -3.63 -16.71 -1.59
N ARG A 186 -4.26 -15.61 -2.06
CA ARG A 186 -3.77 -14.85 -3.20
C ARG A 186 -2.92 -13.68 -2.73
N SER A 187 -2.01 -13.24 -3.60
CA SER A 187 -1.19 -12.06 -3.32
C SER A 187 -1.15 -11.20 -4.58
N ASN A 188 -1.50 -9.92 -4.46
CA ASN A 188 -1.53 -9.07 -5.64
C ASN A 188 -1.20 -7.64 -5.23
N LEU A 189 -0.80 -6.84 -6.20
CA LEU A 189 -0.60 -5.41 -6.00
C LEU A 189 -1.63 -4.60 -6.78
N VAL A 190 -1.98 -3.43 -6.24
CA VAL A 190 -2.74 -2.43 -6.99
C VAL A 190 -1.77 -1.30 -7.35
N ALA A 191 -1.57 -1.09 -8.64
CA ALA A 191 -0.77 0.02 -9.13
C ALA A 191 -1.70 1.23 -9.31
N ALA A 192 -1.59 2.19 -8.41
CA ALA A 192 -2.45 3.36 -8.42
C ALA A 192 -1.84 4.47 -9.25
N GLY A 193 -2.71 5.32 -9.80
CA GLY A 193 -2.26 6.59 -10.30
C GLY A 193 -1.88 7.49 -9.14
N PRO A 194 -1.35 8.68 -9.44
CA PRO A 194 -0.90 9.58 -8.37
C PRO A 194 -2.04 10.10 -7.52
N ILE A 195 -1.83 10.13 -6.22
CA ILE A 195 -2.85 10.54 -5.26
C ILE A 195 -2.25 11.63 -4.38
N ARG A 196 -2.98 12.72 -4.21
CA ARG A 196 -2.49 13.87 -3.45
C ARG A 196 -2.62 13.61 -1.95
N THR A 197 -1.71 12.81 -1.45
CA THR A 197 -1.50 12.69 -0.01
C THR A 197 -0.80 13.94 0.50
N LEU A 198 -0.71 14.04 1.83
CA LEU A 198 0.00 15.16 2.45
C LEU A 198 1.44 15.24 1.95
N ALA A 199 2.13 14.10 1.93
CA ALA A 199 3.51 14.07 1.45
C ALA A 199 3.59 14.51 -0.01
N MET A 200 2.69 14.00 -0.85
CA MET A 200 2.74 14.33 -2.27
C MET A 200 2.48 15.82 -2.50
N SER A 201 1.46 16.38 -1.81
CA SER A 201 1.20 17.81 -1.96
C SER A 201 2.39 18.64 -1.50
N ALA A 202 3.08 18.20 -0.45
CA ALA A 202 4.26 18.92 0.00
C ALA A 202 5.36 18.92 -1.05
N ILE A 203 5.56 17.78 -1.72
CA ILE A 203 6.58 17.71 -2.77
C ILE A 203 6.23 18.64 -3.93
N VAL A 204 4.96 18.63 -4.35
CA VAL A 204 4.54 19.53 -5.43
C VAL A 204 4.70 20.98 -5.00
N GLY A 205 4.53 21.28 -3.72
CA GLY A 205 4.80 22.59 -3.21
C GLY A 205 6.26 22.94 -3.07
N GLY A 206 7.16 22.02 -3.39
CA GLY A 206 8.59 22.30 -3.38
C GLY A 206 9.36 21.77 -2.19
N ALA A 207 8.82 20.81 -1.44
CA ALA A 207 9.50 20.34 -0.23
C ALA A 207 10.81 19.63 -0.55
N LEU A 208 10.93 19.04 -1.73
CA LEU A 208 12.15 18.37 -2.15
C LEU A 208 12.87 19.11 -3.26
N GLY A 209 12.72 20.42 -3.31
CA GLY A 209 13.32 21.19 -4.37
C GLY A 209 12.31 21.57 -5.44
N GLU A 210 12.58 22.71 -6.10
CA GLU A 210 11.61 23.26 -7.04
C GLU A 210 11.45 22.41 -8.30
N GLU A 211 12.57 21.93 -8.86
CA GLU A 211 12.49 21.19 -10.12
C GLU A 211 11.82 19.83 -9.92
N ALA A 212 12.07 19.18 -8.79
CA ALA A 212 11.34 17.96 -8.48
C ALA A 212 9.85 18.24 -8.36
N GLY A 213 9.49 19.34 -7.68
CA GLY A 213 8.08 19.71 -7.62
C GLY A 213 7.50 19.95 -8.99
N ALA A 214 8.23 20.65 -9.86
CA ALA A 214 7.73 20.91 -11.21
C ALA A 214 7.58 19.62 -12.00
N GLN A 215 8.51 18.69 -11.82
CA GLN A 215 8.43 17.42 -12.55
C GLN A 215 7.22 16.61 -12.10
N ILE A 216 6.96 16.56 -10.78
CA ILE A 216 5.82 15.81 -10.28
C ILE A 216 4.52 16.40 -10.81
N GLN A 217 4.41 17.74 -10.81
CA GLN A 217 3.18 18.36 -11.30
C GLN A 217 2.95 18.03 -12.78
N LEU A 218 4.01 18.04 -13.60
CA LEU A 218 3.86 17.67 -14.99
C LEU A 218 3.48 16.21 -15.15
N LEU A 219 4.06 15.35 -14.31
CA LEU A 219 3.69 13.93 -14.33
C LEU A 219 2.20 13.74 -14.04
N GLU A 220 1.69 14.41 -13.00
CA GLU A 220 0.27 14.30 -12.63
C GLU A 220 -0.64 14.77 -13.76
N GLU A 221 -0.29 15.87 -14.42
CA GLU A 221 -1.15 16.42 -15.46
C GLU A 221 -1.21 15.48 -16.67
N GLY A 222 -0.10 14.90 -17.07
CA GLY A 222 -0.13 13.95 -18.18
C GLY A 222 -0.97 12.72 -17.89
N TRP A 223 -1.09 12.38 -16.61
CA TRP A 223 -1.85 11.19 -16.22
C TRP A 223 -3.33 11.34 -16.54
N ASP A 224 -3.95 12.45 -16.11
CA ASP A 224 -5.35 12.67 -16.43
C ASP A 224 -5.54 12.79 -17.94
N GLN A 225 -4.58 13.40 -18.63
CA GLN A 225 -4.67 13.53 -20.09
C GLN A 225 -4.66 12.18 -20.79
N ARG A 226 -3.81 11.25 -20.33
CA ARG A 226 -3.65 9.93 -20.94
C ARG A 226 -4.79 8.99 -20.60
N ALA A 227 -5.33 9.07 -19.40
CA ALA A 227 -6.35 8.15 -18.91
C ALA A 227 -7.63 8.27 -19.75
N PRO A 228 -8.06 7.22 -20.44
CA PRO A 228 -9.28 7.34 -21.26
C PRO A 228 -10.51 7.69 -20.45
N ILE A 229 -10.55 7.34 -19.17
CA ILE A 229 -11.65 7.74 -18.30
C ILE A 229 -11.24 8.84 -17.34
N GLY A 230 -10.10 9.50 -17.58
CA GLY A 230 -9.63 10.53 -16.70
C GLY A 230 -9.08 9.99 -15.39
N TRP A 231 -8.43 10.88 -14.65
CA TRP A 231 -7.79 10.52 -13.38
C TRP A 231 -7.90 11.71 -12.43
N ASN A 232 -8.47 11.48 -11.27
CA ASN A 232 -8.66 12.51 -10.25
C ASN A 232 -7.71 12.22 -9.10
N MET A 233 -6.58 12.93 -9.08
CA MET A 233 -5.59 12.70 -8.03
C MET A 233 -6.07 13.12 -6.65
N LYS A 234 -7.19 13.83 -6.55
CA LYS A 234 -7.71 14.22 -5.25
C LYS A 234 -8.70 13.19 -4.69
N ASP A 235 -8.94 12.10 -5.40
CA ASP A 235 -9.97 11.13 -5.02
C ASP A 235 -9.36 9.73 -4.95
N ALA A 236 -9.05 9.26 -3.73
CA ALA A 236 -8.51 7.91 -3.60
C ALA A 236 -9.59 6.83 -3.61
N THR A 237 -10.86 7.19 -3.65
CA THR A 237 -11.91 6.17 -3.56
C THR A 237 -11.84 5.11 -4.67
N PRO A 238 -11.58 5.44 -5.94
CA PRO A 238 -11.44 4.36 -6.94
C PRO A 238 -10.32 3.39 -6.63
N VAL A 239 -9.22 3.86 -6.04
CA VAL A 239 -8.14 2.96 -5.63
C VAL A 239 -8.60 2.07 -4.50
N ALA A 240 -9.28 2.65 -3.50
CA ALA A 240 -9.79 1.87 -2.38
C ALA A 240 -10.74 0.78 -2.86
N LYS A 241 -11.63 1.09 -3.80
CA LYS A 241 -12.57 0.09 -4.29
C LYS A 241 -11.86 -1.06 -4.98
N THR A 242 -10.79 -0.75 -5.73
CA THR A 242 -10.03 -1.78 -6.43
C THR A 242 -9.33 -2.72 -5.43
N VAL A 243 -8.81 -2.16 -4.34
CA VAL A 243 -8.24 -3.00 -3.29
C VAL A 243 -9.32 -3.91 -2.70
N CYS A 244 -10.50 -3.37 -2.44
CA CYS A 244 -11.60 -4.18 -1.92
C CYS A 244 -11.99 -5.27 -2.91
N ALA A 245 -11.95 -4.97 -4.21
CA ALA A 245 -12.21 -6.00 -5.23
C ALA A 245 -11.24 -7.16 -5.06
N LEU A 246 -9.95 -6.86 -4.88
CA LEU A 246 -8.98 -7.94 -4.71
C LEU A 246 -9.16 -8.67 -3.38
N LEU A 247 -9.64 -7.98 -2.35
CA LEU A 247 -9.92 -8.61 -1.07
C LEU A 247 -11.17 -9.48 -1.11
N SER A 248 -12.07 -9.25 -2.07
CA SER A 248 -13.30 -10.02 -2.16
C SER A 248 -13.02 -11.38 -2.78
N ASP A 249 -14.10 -12.14 -2.98
CA ASP A 249 -14.03 -13.43 -3.66
C ASP A 249 -14.23 -13.32 -5.17
N TRP A 250 -14.21 -12.11 -5.73
CA TRP A 250 -14.61 -11.92 -7.12
C TRP A 250 -13.44 -11.90 -8.10
N LEU A 251 -12.21 -11.98 -7.62
CA LEU A 251 -11.03 -12.20 -8.46
C LEU A 251 -10.29 -13.46 -7.97
N PRO A 252 -10.95 -14.63 -8.00
CA PRO A 252 -10.41 -15.80 -7.29
C PRO A 252 -9.29 -16.53 -8.01
N ALA A 253 -9.00 -16.18 -9.28
CA ALA A 253 -7.98 -16.87 -10.05
C ALA A 253 -6.84 -15.94 -10.44
N THR A 254 -6.69 -14.83 -9.73
CA THR A 254 -5.64 -13.84 -9.96
C THR A 254 -4.68 -13.84 -8.77
N THR A 255 -3.38 -14.07 -9.04
CA THR A 255 -2.39 -14.00 -7.98
C THR A 255 -1.01 -13.79 -8.59
N GLY A 256 -0.10 -13.27 -7.76
CA GLY A 256 1.21 -12.86 -8.24
C GLY A 256 1.15 -11.69 -9.21
N ASP A 257 0.05 -10.96 -9.22
CA ASP A 257 -0.30 -10.10 -10.34
C ASP A 257 -0.41 -8.63 -9.89
N ILE A 258 -0.66 -7.77 -10.87
CA ILE A 258 -0.78 -6.33 -10.67
C ILE A 258 -2.06 -5.87 -11.34
N ILE A 259 -2.93 -5.20 -10.58
CA ILE A 259 -4.14 -4.58 -11.11
C ILE A 259 -3.90 -3.09 -11.14
N TYR A 260 -4.17 -2.46 -12.29
CA TYR A 260 -3.87 -1.03 -12.49
C TYR A 260 -5.14 -0.23 -12.23
N ALA A 261 -5.14 0.54 -11.14
CA ALA A 261 -6.19 1.49 -10.82
C ALA A 261 -5.64 2.89 -11.11
N ASP A 262 -5.54 3.20 -12.40
CA ASP A 262 -4.81 4.39 -12.84
C ASP A 262 -5.54 5.15 -13.93
N GLY A 263 -6.83 4.88 -14.12
CA GLY A 263 -7.61 5.52 -15.18
C GLY A 263 -7.36 4.96 -16.55
N GLY A 264 -6.59 3.87 -16.66
CA GLY A 264 -6.10 3.38 -17.93
C GLY A 264 -4.88 4.10 -18.46
N ALA A 265 -4.25 4.98 -17.67
CA ALA A 265 -3.20 5.82 -18.22
C ALA A 265 -2.02 5.00 -18.72
N HIS A 266 -1.71 3.87 -18.09
CA HIS A 266 -0.54 3.12 -18.51
C HIS A 266 -0.75 2.37 -19.82
N THR A 267 -1.98 2.34 -20.35
CA THR A 267 -2.27 1.69 -21.62
C THR A 267 -2.19 2.62 -22.80
N GLN A 268 -1.82 3.89 -22.57
CA GLN A 268 -1.89 4.92 -23.60
C GLN A 268 -0.56 5.66 -23.66
N LEU A 269 -0.11 5.93 -24.87
CA LEU A 269 1.16 6.63 -25.00
C LEU A 269 0.96 8.14 -24.88
N LEU A 270 -0.01 8.67 -25.61
CA LEU A 270 -0.36 10.08 -25.53
C LEU A 270 -1.88 10.25 -25.47
PA NAD B . 1.24 7.73 3.32
O1A NAD B . 2.26 8.54 3.71
O2A NAD B . -0.06 8.14 3.67
O5B NAD B . 1.42 6.19 3.84
C5B NAD B . 2.64 5.69 4.15
C4B NAD B . 2.57 4.83 5.17
O4B NAD B . 3.86 4.06 5.36
C3B NAD B . 2.43 5.61 6.55
O3B NAD B . 1.26 5.09 7.22
C2B NAD B . 3.52 5.40 7.10
O2B NAD B . 3.49 5.40 8.55
C1B NAD B . 3.98 3.89 6.57
N9A NAD B . 5.28 3.54 7.03
C8A NAD B . 6.39 4.16 6.85
N7A NAD B . 7.39 3.58 7.44
C5A NAD B . 6.90 2.54 8.05
C6A NAD B . 7.41 1.51 8.86
N6A NAD B . 8.81 1.44 9.20
N1A NAD B . 6.61 0.62 9.30
C2A NAD B . 5.35 0.66 9.04
N3A NAD B . 4.83 1.59 8.30
C4A NAD B . 5.59 2.52 7.79
O3 NAD B . 1.22 7.71 1.74
PN NAD B . 0.41 6.76 0.81
O1N NAD B . 0.36 7.37 -0.42
O2N NAD B . -0.85 6.54 1.16
O5D NAD B . 1.25 5.46 0.66
C5D NAD B . 0.76 4.16 0.74
C4D NAD B . 1.39 3.22 -0.31
O4D NAD B . 0.74 3.56 -1.71
C3D NAD B . 2.66 3.36 -0.46
O3D NAD B . 3.24 2.06 -0.73
C2D NAD B . 2.81 4.21 -1.69
O2D NAD B . 3.99 4.02 -2.31
C1D NAD B . 1.65 3.68 -2.51
N1N NAD B . 1.26 4.54 -3.61
C2N NAD B . 1.08 5.85 -3.48
C3N NAD B . 0.70 6.60 -4.56
C7N NAD B . 0.47 8.09 -4.46
O7N NAD B . 0.45 8.74 -5.31
N7N NAD B . 0.26 8.61 -3.20
C4N NAD B . 0.52 5.98 -5.75
C5N NAD B . 0.72 4.61 -5.82
C6N NAD B . 1.07 3.95 -4.71
C10 LRW C . 4.30 10.61 -8.37
C02 LRW C . 4.41 7.05 -3.56
C04 LRW C . 4.28 8.20 -4.54
C05 LRW C . 3.54 8.11 -5.63
C06 LRW C . 3.47 9.34 -6.53
C07 LRW C . 2.53 10.33 -6.29
C08 LRW C . 2.46 11.46 -7.09
C09 LRW C . 3.36 11.59 -8.13
C11 LRW C . 4.37 9.48 -7.56
C12 LRW C . 5.27 10.79 -9.51
F13 LRW C . 5.25 12.11 -9.86
F14 LRW C . 4.87 10.04 -10.58
F15 LRW C . 6.53 10.43 -9.12
O01 LRW C . 4.22 7.24 -2.34
O03 LRW C . 4.70 5.90 -4.00
#